data_4JBP
#
_entry.id   4JBP
#
_cell.length_a   80.810
_cell.length_b   80.810
_cell.length_c   174.308
_cell.angle_alpha   90.000
_cell.angle_beta   90.000
_cell.angle_gamma   120.000
#
_symmetry.space_group_name_H-M   'P 61 2 2'
#
loop_
_entity.id
_entity.type
_entity.pdbx_description
1 polymer 'Aurora Kinase A'
2 non-polymer 1-(4-{2-[(6-{4-[2-(4-hydroxypiperidin-1-yl)ethoxy]phenyl}furo[2,3-d]pyrimidin-4-yl)amino]ethyl}phenyl)-3-phenylurea
3 water water
#
_entity_poly.entity_id   1
_entity_poly.type   'polypeptide(L)'
_entity_poly.pdbx_seq_one_letter_code
;SKKRQWALEDFEIGRPLGKGKFGNVYLAREKQSKFILALKVLFKAQLEKAGVEHQLRREVEIQSHLRHPNILRLYGYFHD
ATRVYLILEYAPLGTVYRELQKLSKFDEQRTATYITELANALSYCHSKRVIHRDIKPENLLLGSAGELKIADFGWSVHAP
SSRRTDLCGTLDYLPPEMIEGRMHDEKVDLWSLGVLCYEFLVGKPPFEANTYQETYKRISRVEFTFPDFVTEGARDLISR
LLKHNPSQRPMLREVLEHPWITANSSKPSNCQNKESASK
;
_entity_poly.pdbx_strand_id   A
#
loop_
_chem_comp.id
_chem_comp.type
_chem_comp.name
_chem_comp.formula
YPH non-polymer 1-(4-{2-[(6-{4-[2-(4-hydroxypiperidin-1-yl)ethoxy]phenyl}furo[2,3-d]pyrimidin-4-yl)amino]ethyl}phenyl)-3-phenylurea 'C34 H36 N6 O4'
#
# COMPACT_ATOMS: atom_id res chain seq x y z
N ARG A 4 17.93 -19.30 14.13
CA ARG A 4 17.24 -18.05 13.71
C ARG A 4 16.37 -17.46 14.83
N GLN A 5 16.89 -17.43 16.07
CA GLN A 5 16.22 -16.72 17.16
C GLN A 5 16.85 -15.32 17.29
N TRP A 6 16.52 -14.45 16.33
CA TRP A 6 17.21 -13.18 16.12
C TRP A 6 17.24 -12.28 17.33
N ALA A 7 18.28 -11.46 17.39
CA ALA A 7 18.43 -10.42 18.41
C ALA A 7 18.98 -9.13 17.77
N LEU A 8 18.66 -7.98 18.37
CA LEU A 8 19.10 -6.67 17.85
C LEU A 8 20.63 -6.61 17.65
N GLU A 9 21.37 -7.37 18.45
CA GLU A 9 22.82 -7.36 18.39
C GLU A 9 23.41 -8.05 17.14
N ASP A 10 22.55 -8.68 16.33
CA ASP A 10 22.94 -9.33 15.07
C ASP A 10 23.03 -8.34 13.88
N PHE A 11 22.57 -7.11 14.07
CA PHE A 11 22.49 -6.13 12.99
C PHE A 11 23.29 -4.87 13.30
N GLU A 12 23.94 -4.30 12.29
CA GLU A 12 24.42 -2.92 12.40
C GLU A 12 23.28 -2.03 11.90
N ILE A 13 22.89 -1.03 12.68
CA ILE A 13 21.77 -0.16 12.34
C ILE A 13 22.32 1.06 11.64
N GLY A 14 21.70 1.42 10.53
CA GLY A 14 22.15 2.55 9.75
C GLY A 14 21.10 3.64 9.77
N ARG A 15 20.95 4.37 8.69
CA ARG A 15 20.18 5.58 8.78
C ARG A 15 18.67 5.34 8.84
N PRO A 16 17.92 6.32 9.39
CA PRO A 16 16.47 6.25 9.43
C PRO A 16 15.86 6.36 8.04
N LEU A 17 15.03 5.39 7.69
CA LEU A 17 14.39 5.36 6.41
C LEU A 17 13.02 6.01 6.44
N GLY A 18 12.40 6.02 7.62
CA GLY A 18 11.06 6.60 7.75
C GLY A 18 10.55 6.59 9.18
N LYS A 19 9.63 7.50 9.47
CA LYS A 19 8.98 7.59 10.78
C LYS A 19 7.53 7.17 10.63
N GLY A 20 7.12 6.15 11.38
CA GLY A 20 5.75 5.63 11.28
C GLY A 20 4.93 6.07 12.48
N LYS A 21 3.62 5.83 12.42
CA LYS A 21 2.74 6.07 13.55
C LYS A 21 3.24 5.24 14.74
N PHE A 22 3.40 3.94 14.49
CA PHE A 22 3.74 2.99 15.54
C PHE A 22 5.23 2.65 15.65
N GLY A 23 6.04 3.10 14.70
CA GLY A 23 7.48 2.93 14.82
C GLY A 23 8.33 3.44 13.67
N ASN A 24 9.64 3.48 13.91
CA ASN A 24 10.61 3.90 12.90
C ASN A 24 11.14 2.75 12.05
N VAL A 25 11.50 3.06 10.82
CA VAL A 25 12.18 2.10 9.96
C VAL A 25 13.65 2.55 9.79
N TYR A 26 14.59 1.64 10.01
CA TYR A 26 16.03 1.91 9.81
C TYR A 26 16.63 0.99 8.76
N LEU A 27 17.58 1.50 7.99
CA LEU A 27 18.40 0.61 7.14
C LEU A 27 19.26 -0.20 8.10
N ALA A 28 19.56 -1.43 7.71
CA ALA A 28 20.43 -2.26 8.55
C ALA A 28 21.18 -3.31 7.77
N ARG A 29 22.22 -3.84 8.40
CA ARG A 29 23.07 -4.87 7.84
C ARG A 29 23.28 -5.98 8.87
N GLU A 30 22.94 -7.20 8.47
CA GLU A 30 23.13 -8.37 9.33
C GLU A 30 24.63 -8.66 9.39
N LYS A 31 25.15 -8.83 10.59
CA LYS A 31 26.60 -8.92 10.76
C LYS A 31 27.24 -10.12 10.07
N GLN A 32 26.68 -11.31 10.27
CA GLN A 32 27.29 -12.55 9.75
C GLN A 32 27.44 -12.55 8.22
N SER A 33 26.36 -12.19 7.53
CA SER A 33 26.28 -12.33 6.08
C SER A 33 26.49 -11.02 5.31
N LYS A 34 26.43 -9.87 6.00
CA LYS A 34 26.40 -8.51 5.41
C LYS A 34 25.15 -8.23 4.58
N PHE A 35 24.10 -8.99 4.83
CA PHE A 35 22.86 -8.84 4.09
C PHE A 35 22.19 -7.53 4.50
N ILE A 36 21.97 -6.66 3.51
CA ILE A 36 21.33 -5.38 3.73
C ILE A 36 19.81 -5.53 3.70
N LEU A 37 19.17 -4.96 4.70
CA LEU A 37 17.74 -5.11 4.89
C LEU A 37 17.23 -3.86 5.60
N ALA A 38 15.92 -3.81 5.81
CA ALA A 38 15.28 -2.74 6.58
C ALA A 38 14.77 -3.33 7.89
N LEU A 39 14.80 -2.52 8.94
CA LEU A 39 14.45 -2.96 10.28
C LEU A 39 13.43 -1.98 10.81
N LYS A 40 12.22 -2.43 11.02
CA LYS A 40 11.16 -1.61 11.55
C LYS A 40 10.95 -1.90 13.04
N VAL A 41 11.06 -0.87 13.86
CA VAL A 41 11.04 -1.00 15.31
C VAL A 41 9.72 -0.45 15.83
N LEU A 42 8.89 -1.31 16.40
CA LEU A 42 7.62 -0.89 16.98
C LEU A 42 7.68 -1.04 18.49
N PHE A 43 6.87 -0.26 19.20
CA PHE A 43 6.90 -0.24 20.66
C PHE A 43 5.71 -1.01 21.26
N LYS A 44 6.01 -1.96 22.13
CA LYS A 44 4.97 -2.78 22.74
C LYS A 44 3.94 -1.91 23.43
N ALA A 45 4.41 -1.04 24.32
CA ALA A 45 3.53 -0.15 25.10
C ALA A 45 2.53 0.59 24.21
N GLN A 46 2.95 0.98 23.02
CA GLN A 46 2.14 1.81 22.13
C GLN A 46 1.15 0.98 21.30
N LEU A 47 1.59 -0.20 20.87
CA LEU A 47 0.73 -1.12 20.13
C LEU A 47 -0.33 -1.69 21.07
N GLU A 48 0.09 -2.10 22.26
CA GLU A 48 -0.82 -2.63 23.27
C GLU A 48 -1.88 -1.60 23.63
N LYS A 49 -1.45 -0.39 23.95
CA LYS A 49 -2.36 0.68 24.32
C LYS A 49 -3.34 1.06 23.20
N ALA A 50 -2.90 0.95 21.95
CA ALA A 50 -3.80 1.16 20.82
C ALA A 50 -4.60 -0.11 20.44
N GLY A 51 -4.37 -1.22 21.12
CA GLY A 51 -5.06 -2.48 20.84
C GLY A 51 -4.76 -3.11 19.47
N VAL A 52 -3.54 -2.92 18.96
CA VAL A 52 -3.18 -3.39 17.62
C VAL A 52 -2.06 -4.42 17.61
N GLU A 53 -1.65 -4.91 18.78
CA GLU A 53 -0.56 -5.88 18.82
C GLU A 53 -0.93 -7.18 18.09
N HIS A 54 -2.17 -7.61 18.25
CA HIS A 54 -2.67 -8.78 17.54
C HIS A 54 -2.56 -8.58 16.06
N GLN A 55 -3.06 -7.46 15.55
CA GLN A 55 -2.97 -7.15 14.13
C GLN A 55 -1.60 -7.46 13.54
N LEU A 56 -0.56 -7.20 14.33
CA LEU A 56 0.83 -7.45 13.91
C LEU A 56 1.21 -8.95 13.97
N ARG A 57 0.69 -9.70 14.95
CA ARG A 57 0.78 -11.17 14.90
C ARG A 57 0.21 -11.63 13.52
N ARG A 58 -0.99 -11.14 13.19
CA ARG A 58 -1.68 -11.45 11.91
C ARG A 58 -0.87 -11.07 10.67
N GLU A 59 -0.39 -9.83 10.58
CA GLU A 59 0.47 -9.37 9.45
C GLU A 59 1.60 -10.34 9.21
N VAL A 60 2.40 -10.54 10.24
CA VAL A 60 3.57 -11.39 10.14
C VAL A 60 3.15 -12.80 9.68
N GLU A 61 2.05 -13.31 10.23
CA GLU A 61 1.52 -14.61 9.82
C GLU A 61 1.12 -14.61 8.34
N ILE A 62 0.40 -13.57 7.93
CA ILE A 62 -0.09 -13.47 6.56
C ILE A 62 1.04 -13.19 5.56
N GLN A 63 1.79 -12.12 5.79
CA GLN A 63 2.84 -11.70 4.85
C GLN A 63 3.94 -12.75 4.62
N SER A 64 4.03 -13.73 5.51
CA SER A 64 5.00 -14.83 5.35
C SER A 64 4.46 -16.02 4.51
N HIS A 65 3.19 -15.96 4.12
CA HIS A 65 2.65 -16.90 3.12
C HIS A 65 2.62 -16.31 1.74
N LEU A 66 3.06 -15.06 1.63
CA LEU A 66 3.01 -14.33 0.37
C LEU A 66 4.41 -14.27 -0.20
N ARG A 67 4.53 -14.55 -1.50
CA ARG A 67 5.80 -14.44 -2.22
C ARG A 67 5.49 -13.93 -3.61
N HIS A 68 5.93 -12.71 -3.90
CA HIS A 68 5.59 -12.06 -5.19
C HIS A 68 6.50 -10.89 -5.40
N PRO A 69 6.92 -10.67 -6.65
CA PRO A 69 7.89 -9.59 -6.87
C PRO A 69 7.38 -8.17 -6.61
N ASN A 70 6.05 -8.00 -6.53
CA ASN A 70 5.47 -6.71 -6.28
C ASN A 70 4.86 -6.63 -4.88
N ILE A 71 5.33 -7.52 -3.99
CA ILE A 71 4.99 -7.49 -2.56
C ILE A 71 6.30 -7.55 -1.79
N LEU A 72 6.47 -6.62 -0.86
CA LEU A 72 7.66 -6.50 -0.05
C LEU A 72 7.77 -7.70 0.90
N ARG A 73 8.93 -8.35 0.92
CA ARG A 73 9.12 -9.51 1.79
C ARG A 73 9.33 -9.16 3.27
N LEU A 74 8.74 -9.97 4.15
CA LEU A 74 9.07 -9.98 5.56
C LEU A 74 9.86 -11.25 5.79
N TYR A 75 11.14 -11.09 6.12
CA TYR A 75 12.03 -12.22 6.33
C TYR A 75 11.84 -12.87 7.71
N GLY A 76 11.54 -12.06 8.70
CA GLY A 76 11.39 -12.56 10.06
C GLY A 76 11.06 -11.46 11.07
N TYR A 77 11.18 -11.82 12.34
CA TYR A 77 10.73 -10.93 13.39
C TYR A 77 11.33 -11.39 14.70
N PHE A 78 11.54 -10.45 15.60
CA PHE A 78 11.91 -10.78 16.95
C PHE A 78 11.45 -9.64 17.86
N HIS A 79 11.82 -9.69 19.13
CA HIS A 79 11.37 -8.70 20.09
C HIS A 79 12.21 -8.76 21.31
N ASP A 80 12.16 -7.69 22.11
CA ASP A 80 12.89 -7.65 23.37
C ASP A 80 11.94 -7.19 24.47
N ALA A 81 12.49 -6.81 25.62
CA ALA A 81 11.69 -6.37 26.75
C ALA A 81 10.52 -5.47 26.34
N THR A 82 10.77 -4.55 25.41
CA THR A 82 9.81 -3.48 25.10
C THR A 82 9.53 -3.20 23.61
N ARG A 83 10.25 -3.86 22.70
CA ARG A 83 10.06 -3.56 21.29
C ARG A 83 9.91 -4.82 20.44
N VAL A 84 9.18 -4.67 19.33
CA VAL A 84 9.02 -5.71 18.32
C VAL A 84 9.72 -5.22 17.05
N TYR A 85 10.52 -6.09 16.45
CA TYR A 85 11.29 -5.74 15.25
C TYR A 85 10.87 -6.59 14.07
N LEU A 86 10.53 -5.95 12.96
CA LEU A 86 10.26 -6.65 11.71
C LEU A 86 11.47 -6.53 10.78
N ILE A 87 11.93 -7.67 10.27
CA ILE A 87 13.08 -7.73 9.37
C ILE A 87 12.53 -7.78 7.95
N LEU A 88 12.68 -6.68 7.23
CA LEU A 88 12.04 -6.48 5.97
C LEU A 88 13.03 -6.47 4.81
N GLU A 89 12.54 -6.81 3.63
CA GLU A 89 13.27 -6.54 2.40
C GLU A 89 13.50 -5.03 2.31
N TYR A 90 14.70 -4.64 1.89
CA TYR A 90 15.03 -3.24 1.68
C TYR A 90 14.69 -2.81 0.23
N ALA A 91 14.01 -1.68 0.13
CA ALA A 91 13.51 -1.13 -1.13
C ALA A 91 14.27 0.14 -1.46
N PRO A 92 15.36 0.03 -2.24
CA PRO A 92 16.35 1.09 -2.28
C PRO A 92 15.90 2.40 -2.90
N LEU A 93 14.79 2.41 -3.64
CA LEU A 93 14.34 3.63 -4.31
C LEU A 93 13.24 4.35 -3.55
N GLY A 94 12.90 3.86 -2.36
CA GLY A 94 11.99 4.57 -1.47
C GLY A 94 10.51 4.42 -1.81
N THR A 95 9.70 5.28 -1.21
CA THR A 95 8.23 5.18 -1.33
C THR A 95 7.71 5.92 -2.56
N VAL A 96 6.53 5.51 -3.03
CA VAL A 96 5.91 6.18 -4.14
C VAL A 96 5.43 7.54 -3.67
N TYR A 97 5.07 7.64 -2.39
CA TYR A 97 4.74 8.93 -1.73
C TYR A 97 5.81 9.98 -2.01
N ARG A 98 7.07 9.65 -1.66
CA ARG A 98 8.20 10.57 -1.87
C ARG A 98 8.34 10.87 -3.35
N GLU A 99 8.09 9.88 -4.21
CA GLU A 99 8.20 10.09 -5.65
C GLU A 99 7.16 11.10 -6.14
N LEU A 100 5.95 11.04 -5.57
CA LEU A 100 4.90 12.02 -5.87
C LEU A 100 5.29 13.44 -5.45
N GLN A 101 5.87 13.57 -4.26
CA GLN A 101 6.41 14.85 -3.86
C GLN A 101 7.40 15.38 -4.88
N LYS A 102 8.41 14.57 -5.22
CA LYS A 102 9.49 15.06 -6.09
C LYS A 102 8.92 15.43 -7.46
N LEU A 103 8.07 14.59 -8.03
CA LEU A 103 7.56 14.80 -9.40
C LEU A 103 6.22 15.56 -9.51
N SER A 104 5.46 15.62 -8.41
CA SER A 104 4.13 16.28 -8.35
C SER A 104 3.01 15.38 -8.83
N LYS A 105 3.12 14.91 -10.07
CA LYS A 105 2.20 13.96 -10.67
C LYS A 105 2.94 13.14 -11.72
N PHE A 106 2.42 11.96 -12.03
CA PHE A 106 3.01 11.05 -13.00
C PHE A 106 2.28 11.08 -14.33
N ASP A 107 3.04 10.82 -15.39
CA ASP A 107 2.43 10.69 -16.72
C ASP A 107 1.64 9.39 -16.78
N GLU A 108 0.89 9.20 -17.84
CA GLU A 108 0.02 8.04 -18.00
C GLU A 108 0.78 6.72 -18.04
N GLN A 109 2.01 6.75 -18.58
CA GLN A 109 2.81 5.54 -18.77
C GLN A 109 3.35 5.03 -17.43
N ARG A 110 3.88 5.92 -16.61
CA ARG A 110 4.25 5.54 -15.25
C ARG A 110 3.01 5.07 -14.48
N THR A 111 1.90 5.80 -14.63
CA THR A 111 0.70 5.48 -13.85
C THR A 111 0.17 4.08 -14.22
N ALA A 112 0.00 3.83 -15.51
CA ALA A 112 -0.51 2.52 -16.00
C ALA A 112 0.42 1.37 -15.61
N THR A 113 1.72 1.61 -15.75
CA THR A 113 2.70 0.63 -15.35
C THR A 113 2.54 0.31 -13.84
N TYR A 114 2.34 1.33 -13.01
CA TYR A 114 2.22 1.12 -11.57
C TYR A 114 0.93 0.39 -11.21
N ILE A 115 -0.14 0.70 -11.92
CA ILE A 115 -1.42 0.05 -11.65
C ILE A 115 -1.36 -1.43 -12.04
N THR A 116 -0.64 -1.73 -13.11
CA THR A 116 -0.50 -3.12 -13.53
C THR A 116 0.24 -3.89 -12.46
N GLU A 117 1.32 -3.32 -11.96
CA GLU A 117 2.09 -3.99 -10.93
C GLU A 117 1.18 -4.22 -9.71
N LEU A 118 0.51 -3.15 -9.25
CA LEU A 118 -0.44 -3.26 -8.14
C LEU A 118 -1.48 -4.35 -8.38
N ALA A 119 -2.09 -4.30 -9.56
CA ALA A 119 -3.18 -5.23 -9.90
C ALA A 119 -2.68 -6.67 -9.96
N ASN A 120 -1.47 -6.88 -10.45
CA ASN A 120 -0.88 -8.22 -10.41
C ASN A 120 -0.66 -8.68 -8.97
N ALA A 121 -0.07 -7.81 -8.17
CA ALA A 121 0.17 -8.09 -6.75
C ALA A 121 -1.14 -8.41 -6.04
N LEU A 122 -2.17 -7.61 -6.27
CA LEU A 122 -3.43 -7.80 -5.54
C LEU A 122 -4.16 -9.03 -6.03
N SER A 123 -4.02 -9.34 -7.30
CA SER A 123 -4.64 -10.54 -7.85
C SER A 123 -4.08 -11.80 -7.19
N TYR A 124 -2.76 -11.85 -7.02
CA TYR A 124 -2.12 -12.96 -6.30
C TYR A 124 -2.60 -13.05 -4.83
N CYS A 125 -2.70 -11.91 -4.17
CA CYS A 125 -3.23 -11.84 -2.81
C CYS A 125 -4.65 -12.38 -2.74
N HIS A 126 -5.50 -11.91 -3.64
CA HIS A 126 -6.88 -12.38 -3.70
C HIS A 126 -6.95 -13.88 -3.96
N SER A 127 -6.02 -14.40 -4.75
CA SER A 127 -5.98 -15.84 -5.06
C SER A 127 -5.56 -16.68 -3.86
N LYS A 128 -4.75 -16.10 -2.98
CA LYS A 128 -4.38 -16.77 -1.74
C LYS A 128 -5.34 -16.38 -0.62
N ARG A 129 -6.52 -15.89 -0.99
CA ARG A 129 -7.51 -15.44 -0.03
C ARG A 129 -6.96 -14.38 0.94
N VAL A 130 -6.42 -13.30 0.39
CA VAL A 130 -5.93 -12.20 1.21
C VAL A 130 -6.34 -10.84 0.65
N ILE A 131 -6.90 -10.00 1.52
CA ILE A 131 -7.33 -8.65 1.18
C ILE A 131 -6.44 -7.65 1.94
N HIS A 132 -5.89 -6.67 1.22
CA HIS A 132 -4.96 -5.73 1.84
C HIS A 132 -5.58 -4.77 2.84
N ARG A 133 -6.62 -4.05 2.39
CA ARG A 133 -7.35 -3.07 3.20
C ARG A 133 -6.62 -1.76 3.53
N ASP A 134 -5.40 -1.56 3.03
CA ASP A 134 -4.59 -0.39 3.44
C ASP A 134 -3.64 0.11 2.35
N ILE A 135 -4.08 0.07 1.09
CA ILE A 135 -3.23 0.51 -0.01
C ILE A 135 -3.18 2.03 0.03
N LYS A 136 -1.97 2.57 0.00
CA LYS A 136 -1.72 4.01 -0.05
C LYS A 136 -0.25 4.26 -0.40
N PRO A 137 0.08 5.47 -0.89
CA PRO A 137 1.39 5.66 -1.47
C PRO A 137 2.56 5.49 -0.50
N GLU A 138 2.33 5.78 0.78
CA GLU A 138 3.34 5.58 1.83
C GLU A 138 3.77 4.11 1.89
N ASN A 139 2.82 3.21 1.67
CA ASN A 139 3.05 1.78 1.77
C ASN A 139 3.42 1.14 0.45
N LEU A 140 3.77 1.96 -0.54
CA LEU A 140 4.20 1.47 -1.83
C LEU A 140 5.67 1.81 -1.99
N LEU A 141 6.50 0.77 -2.03
CA LEU A 141 7.94 0.94 -2.09
C LEU A 141 8.48 0.58 -3.46
N LEU A 142 9.68 1.06 -3.75
CA LEU A 142 10.29 0.94 -5.08
C LEU A 142 11.61 0.18 -4.99
N GLY A 143 11.66 -0.97 -5.68
CA GLY A 143 12.86 -1.77 -5.70
C GLY A 143 13.93 -1.19 -6.62
N SER A 144 15.09 -1.84 -6.64
CA SER A 144 16.29 -1.24 -7.24
C SER A 144 16.12 -0.95 -8.72
N ALA A 145 15.26 -1.72 -9.38
CA ALA A 145 14.89 -1.48 -10.77
C ALA A 145 13.66 -0.59 -10.87
N GLY A 146 13.23 0.01 -9.77
CA GLY A 146 12.02 0.84 -9.77
C GLY A 146 10.72 0.07 -9.85
N GLU A 147 10.75 -1.22 -9.55
CA GLU A 147 9.55 -2.05 -9.47
C GLU A 147 8.79 -1.75 -8.19
N LEU A 148 7.49 -1.63 -8.33
CA LEU A 148 6.64 -1.27 -7.21
C LEU A 148 6.47 -2.46 -6.25
N LYS A 149 6.45 -2.18 -4.94
CA LYS A 149 6.31 -3.22 -3.91
C LYS A 149 5.30 -2.85 -2.81
N ILE A 150 4.24 -3.62 -2.69
CA ILE A 150 3.25 -3.40 -1.66
C ILE A 150 3.85 -3.74 -0.29
N ALA A 151 3.72 -2.80 0.65
CA ALA A 151 4.16 -2.98 2.02
C ALA A 151 3.00 -2.92 3.00
N ASP A 152 3.28 -3.32 4.24
CA ASP A 152 2.32 -3.24 5.36
C ASP A 152 1.06 -4.10 5.21
N PHE A 153 1.09 -5.30 5.79
CA PHE A 153 -0.10 -6.16 5.87
C PHE A 153 -0.68 -6.14 7.28
N GLY A 154 -0.46 -5.02 7.99
CA GLY A 154 -0.96 -4.86 9.35
C GLY A 154 -2.46 -4.87 9.50
N TRP A 155 -3.18 -4.66 8.40
CA TRP A 155 -4.63 -4.51 8.43
C TRP A 155 -5.34 -5.46 7.50
N SER A 156 -4.70 -6.58 7.18
CA SER A 156 -5.27 -7.57 6.24
C SER A 156 -6.17 -8.56 6.96
N VAL A 157 -7.13 -9.13 6.23
CA VAL A 157 -8.07 -10.10 6.82
C VAL A 157 -8.34 -11.24 5.82
N HIS A 158 -9.12 -12.22 6.25
CA HIS A 158 -9.47 -13.43 5.48
C HIS A 158 -8.24 -14.24 5.12
N GLY A 169 -6.62 8.79 11.93
CA GLY A 169 -6.00 8.63 10.61
C GLY A 169 -6.77 9.32 9.49
N THR A 170 -6.10 9.56 8.36
CA THR A 170 -6.80 10.15 7.21
C THR A 170 -7.70 9.08 6.62
N LEU A 171 -8.88 9.48 6.15
CA LEU A 171 -9.80 8.57 5.47
C LEU A 171 -9.52 8.39 4.00
N ASP A 172 -8.54 9.13 3.46
CA ASP A 172 -8.43 9.37 2.00
C ASP A 172 -8.49 8.14 1.09
N TYR A 173 -7.97 7.01 1.58
CA TYR A 173 -7.82 5.80 0.76
C TYR A 173 -8.83 4.73 1.15
N LEU A 174 -9.72 5.05 2.08
CA LEU A 174 -10.71 4.09 2.55
C LEU A 174 -12.00 4.14 1.75
N PRO A 175 -12.58 2.97 1.46
CA PRO A 175 -13.84 2.92 0.71
C PRO A 175 -15.05 3.18 1.60
N PRO A 176 -16.19 3.53 0.99
CA PRO A 176 -17.41 3.87 1.71
C PRO A 176 -17.84 2.81 2.70
N GLU A 177 -17.77 1.55 2.30
CA GLU A 177 -18.20 0.45 3.17
C GLU A 177 -17.32 0.32 4.43
N MET A 178 -16.07 0.78 4.38
CA MET A 178 -15.25 0.80 5.59
C MET A 178 -15.49 2.02 6.47
N ILE A 179 -15.83 3.16 5.89
CA ILE A 179 -16.09 4.34 6.72
C ILE A 179 -17.54 4.34 7.20
N GLU A 180 -18.47 3.86 6.37
CA GLU A 180 -19.87 3.74 6.74
C GLU A 180 -20.14 2.51 7.62
N GLY A 181 -19.09 1.79 8.02
CA GLY A 181 -19.19 0.70 8.98
C GLY A 181 -19.93 -0.54 8.49
N ARG A 182 -19.57 -0.99 7.29
CA ARG A 182 -20.25 -2.14 6.65
C ARG A 182 -19.31 -3.34 6.46
N MET A 183 -19.91 -4.46 6.03
CA MET A 183 -19.18 -5.65 5.61
C MET A 183 -18.39 -5.28 4.35
N HIS A 184 -17.19 -5.76 4.27
CA HIS A 184 -16.41 -5.50 3.12
C HIS A 184 -15.76 -6.74 2.72
N ASP A 185 -15.22 -6.72 1.54
CA ASP A 185 -14.64 -7.90 0.98
C ASP A 185 -13.46 -7.48 0.19
N GLU A 186 -13.08 -8.33 -0.74
CA GLU A 186 -11.94 -8.03 -1.62
C GLU A 186 -12.08 -6.87 -2.61
N LYS A 187 -13.29 -6.35 -2.77
CA LYS A 187 -13.50 -5.19 -3.62
C LYS A 187 -12.98 -3.91 -2.98
N VAL A 188 -12.70 -3.95 -1.67
CA VAL A 188 -12.00 -2.87 -1.02
C VAL A 188 -10.75 -2.45 -1.83
N ASP A 189 -9.98 -3.45 -2.26
CA ASP A 189 -8.70 -3.24 -2.91
C ASP A 189 -8.84 -2.58 -4.28
N LEU A 190 -10.00 -2.75 -4.92
CA LEU A 190 -10.26 -2.14 -6.23
C LEU A 190 -10.58 -0.65 -6.09
N TRP A 191 -11.34 -0.31 -5.05
CA TRP A 191 -11.52 1.10 -4.72
C TRP A 191 -10.19 1.76 -4.54
N SER A 192 -9.34 1.11 -3.75
CA SER A 192 -7.96 1.60 -3.53
C SER A 192 -7.17 1.82 -4.82
N LEU A 193 -7.22 0.87 -5.76
CA LEU A 193 -6.62 1.09 -7.06
C LEU A 193 -7.10 2.38 -7.73
N GLY A 194 -8.40 2.63 -7.62
CA GLY A 194 -9.01 3.79 -8.25
C GLY A 194 -8.53 5.08 -7.63
N VAL A 195 -8.46 5.10 -6.29
CA VAL A 195 -7.91 6.26 -5.58
C VAL A 195 -6.48 6.52 -6.01
N LEU A 196 -5.68 5.46 -6.15
CA LEU A 196 -4.27 5.63 -6.50
C LEU A 196 -4.09 6.07 -7.93
N CYS A 197 -4.90 5.50 -8.83
CA CYS A 197 -4.80 5.85 -10.24
C CYS A 197 -5.07 7.34 -10.46
N TYR A 198 -6.07 7.87 -9.74
CA TYR A 198 -6.35 9.31 -9.73
C TYR A 198 -5.19 10.10 -9.14
N GLU A 199 -4.74 9.70 -7.96
CA GLU A 199 -3.67 10.44 -7.27
C GLU A 199 -2.41 10.46 -8.13
N PHE A 200 -2.10 9.36 -8.78
CA PHE A 200 -0.89 9.33 -9.63
C PHE A 200 -0.95 10.36 -10.76
N LEU A 201 -2.10 10.43 -11.42
CA LEU A 201 -2.27 11.32 -12.57
C LEU A 201 -2.48 12.78 -12.18
N VAL A 202 -3.04 13.01 -11.01
CA VAL A 202 -3.45 14.37 -10.60
C VAL A 202 -2.52 14.93 -9.54
N GLY A 203 -1.97 14.07 -8.68
CA GLY A 203 -1.03 14.52 -7.65
C GLY A 203 -1.68 14.76 -6.30
N LYS A 204 -2.99 14.49 -6.19
CA LYS A 204 -3.68 14.48 -4.90
C LYS A 204 -4.79 13.43 -4.98
N PRO A 205 -5.13 12.78 -3.85
CA PRO A 205 -6.19 11.80 -3.95
C PRO A 205 -7.56 12.49 -4.12
N PRO A 206 -8.51 11.81 -4.79
CA PRO A 206 -9.72 12.50 -5.28
C PRO A 206 -10.66 13.04 -4.20
N PHE A 207 -10.62 12.50 -2.99
CA PHE A 207 -11.55 12.90 -1.94
C PHE A 207 -10.88 13.78 -0.89
N GLU A 208 -9.72 14.29 -1.22
CA GLU A 208 -8.97 15.08 -0.28
C GLU A 208 -9.77 16.31 0.12
N ALA A 209 -9.75 16.61 1.41
CA ALA A 209 -10.36 17.80 1.95
C ALA A 209 -9.54 18.31 3.15
N ASN A 210 -9.95 19.44 3.67
CA ASN A 210 -9.26 20.07 4.79
C ASN A 210 -9.74 19.59 6.14
N THR A 211 -10.89 18.93 6.16
CA THR A 211 -11.37 18.32 7.39
C THR A 211 -11.74 16.85 7.15
N TYR A 212 -11.61 16.09 8.22
CA TYR A 212 -12.05 14.70 8.27
C TYR A 212 -13.51 14.62 7.86
N GLN A 213 -14.31 15.54 8.39
CA GLN A 213 -15.74 15.51 8.19
C GLN A 213 -16.10 15.68 6.72
N GLU A 214 -15.43 16.60 6.05
CA GLU A 214 -15.67 16.80 4.63
C GLU A 214 -15.18 15.64 3.75
N THR A 215 -13.99 15.10 4.06
CA THR A 215 -13.49 13.94 3.32
C THR A 215 -14.43 12.74 3.42
N TYR A 216 -14.93 12.49 4.64
CA TYR A 216 -15.89 11.43 4.90
C TYR A 216 -17.10 11.61 3.98
N LYS A 217 -17.67 12.80 4.03
CA LYS A 217 -18.80 13.20 3.19
C LYS A 217 -18.54 12.84 1.73
N ARG A 218 -17.37 13.20 1.22
CA ARG A 218 -17.07 13.02 -0.18
C ARG A 218 -16.80 11.59 -0.59
N ILE A 219 -16.18 10.82 0.29
CA ILE A 219 -16.06 9.39 0.05
C ILE A 219 -17.45 8.76 0.02
N SER A 220 -18.25 9.06 1.02
CA SER A 220 -19.60 8.50 1.12
C SER A 220 -20.50 8.75 -0.10
N ARG A 221 -20.39 9.94 -0.67
CA ARG A 221 -21.15 10.34 -1.82
C ARG A 221 -20.45 10.01 -3.12
N VAL A 222 -19.18 9.60 -3.02
CA VAL A 222 -18.29 9.46 -4.19
C VAL A 222 -18.32 10.73 -5.04
N GLU A 223 -17.98 11.83 -4.40
CA GLU A 223 -18.06 13.15 -4.97
C GLU A 223 -16.66 13.60 -5.32
N PHE A 224 -16.31 13.51 -6.59
CA PHE A 224 -15.03 14.00 -7.06
C PHE A 224 -15.12 14.45 -8.52
N THR A 225 -14.18 15.30 -8.93
CA THR A 225 -14.09 15.76 -10.31
C THR A 225 -12.67 15.62 -10.85
N PHE A 226 -12.55 15.68 -12.18
CA PHE A 226 -11.27 15.52 -12.87
C PHE A 226 -10.75 16.87 -13.37
N PRO A 227 -9.44 17.05 -13.31
CA PRO A 227 -8.81 18.18 -13.99
C PRO A 227 -8.81 17.96 -15.51
N ASP A 228 -8.98 19.02 -16.30
CA ASP A 228 -9.08 18.89 -17.76
C ASP A 228 -8.04 18.01 -18.44
N PHE A 229 -6.86 17.88 -17.84
CA PHE A 229 -5.77 17.11 -18.46
C PHE A 229 -5.90 15.58 -18.33
N VAL A 230 -6.76 15.09 -17.43
CA VAL A 230 -6.94 13.66 -17.32
C VAL A 230 -7.69 13.14 -18.55
N THR A 231 -7.04 12.25 -19.28
CA THR A 231 -7.58 11.74 -20.54
C THR A 231 -8.81 10.85 -20.33
N GLU A 232 -9.58 10.64 -21.40
CA GLU A 232 -10.86 9.92 -21.34
C GLU A 232 -10.71 8.46 -20.89
N GLY A 233 -9.65 7.80 -21.33
CA GLY A 233 -9.39 6.44 -20.95
C GLY A 233 -9.20 6.32 -19.45
N ALA A 234 -8.45 7.26 -18.88
CA ALA A 234 -8.15 7.26 -17.45
C ALA A 234 -9.43 7.50 -16.64
N ARG A 235 -10.21 8.50 -17.07
CA ARG A 235 -11.53 8.81 -16.51
C ARG A 235 -12.47 7.60 -16.51
N ASP A 236 -12.44 6.83 -17.59
CA ASP A 236 -13.25 5.63 -17.68
C ASP A 236 -12.84 4.61 -16.63
N LEU A 237 -11.53 4.34 -16.54
CA LEU A 237 -11.02 3.34 -15.58
C LEU A 237 -11.31 3.78 -14.14
N ILE A 238 -10.93 5.00 -13.81
CA ILE A 238 -11.14 5.53 -12.46
C ILE A 238 -12.61 5.48 -12.05
N SER A 239 -13.51 5.89 -12.94
CA SER A 239 -14.97 5.86 -12.68
C SER A 239 -15.53 4.45 -12.44
N ARG A 240 -14.99 3.47 -13.14
CA ARG A 240 -15.39 2.08 -12.90
C ARG A 240 -14.91 1.59 -11.54
N LEU A 241 -13.74 2.05 -11.09
CA LEU A 241 -13.19 1.58 -9.83
C LEU A 241 -13.86 2.27 -8.64
N LEU A 242 -14.14 3.57 -8.75
CA LEU A 242 -14.74 4.29 -7.62
C LEU A 242 -16.26 4.22 -7.65
N LYS A 243 -16.81 3.02 -7.63
CA LYS A 243 -18.25 2.82 -7.47
C LYS A 243 -18.53 2.63 -5.98
N HIS A 244 -19.68 3.14 -5.54
CA HIS A 244 -20.06 3.06 -4.15
C HIS A 244 -20.37 1.64 -3.76
N ASN A 245 -21.04 0.92 -4.63
CA ASN A 245 -21.40 -0.48 -4.38
C ASN A 245 -20.19 -1.33 -4.75
N PRO A 246 -19.64 -2.08 -3.78
CA PRO A 246 -18.51 -2.98 -4.07
C PRO A 246 -18.76 -3.89 -5.27
N SER A 247 -19.96 -4.46 -5.39
CA SER A 247 -20.24 -5.47 -6.45
C SER A 247 -20.28 -4.90 -7.88
N GLN A 248 -20.34 -3.57 -8.00
CA GLN A 248 -20.26 -2.91 -9.31
C GLN A 248 -18.83 -2.60 -9.74
N ARG A 249 -17.87 -2.78 -8.83
CA ARG A 249 -16.45 -2.60 -9.19
C ARG A 249 -15.98 -3.79 -9.99
N PRO A 250 -15.07 -3.57 -10.96
CA PRO A 250 -14.62 -4.67 -11.82
C PRO A 250 -13.68 -5.61 -11.10
N MET A 251 -13.42 -6.77 -11.71
CA MET A 251 -12.40 -7.66 -11.17
C MET A 251 -11.03 -7.14 -11.55
N LEU A 252 -10.01 -7.66 -10.88
CA LEU A 252 -8.64 -7.31 -11.17
C LEU A 252 -8.27 -7.68 -12.60
N ARG A 253 -8.78 -8.82 -13.08
CA ARG A 253 -8.54 -9.26 -14.46
C ARG A 253 -9.09 -8.26 -15.49
N GLU A 254 -10.17 -7.56 -15.15
CA GLU A 254 -10.73 -6.56 -16.05
C GLU A 254 -9.94 -5.24 -16.03
N VAL A 255 -9.38 -4.90 -14.88
CA VAL A 255 -8.48 -3.76 -14.81
C VAL A 255 -7.29 -3.97 -15.75
N LEU A 256 -6.68 -5.15 -15.68
CA LEU A 256 -5.52 -5.49 -16.50
C LEU A 256 -5.84 -5.52 -18.00
N GLU A 257 -7.11 -5.72 -18.34
CA GLU A 257 -7.55 -5.77 -19.73
C GLU A 257 -8.05 -4.42 -20.22
N HIS A 258 -8.13 -3.42 -19.33
CA HIS A 258 -8.62 -2.12 -19.74
C HIS A 258 -7.77 -1.58 -20.86
N PRO A 259 -8.39 -1.06 -21.91
CA PRO A 259 -7.58 -0.59 -23.06
C PRO A 259 -6.60 0.56 -22.72
N TRP A 260 -6.96 1.40 -21.75
CA TRP A 260 -6.05 2.44 -21.25
C TRP A 260 -4.84 1.84 -20.57
N ILE A 261 -5.06 0.77 -19.82
CA ILE A 261 -3.94 0.08 -19.16
C ILE A 261 -3.05 -0.60 -20.21
N THR A 262 -3.66 -1.24 -21.20
CA THR A 262 -2.86 -1.95 -22.20
C THR A 262 -2.20 -0.95 -23.14
N ALA A 263 -2.89 0.13 -23.47
CA ALA A 263 -2.31 1.17 -24.32
C ALA A 263 -1.06 1.81 -23.72
N ASN A 264 -1.00 1.91 -22.39
CA ASN A 264 0.01 2.73 -21.71
C ASN A 264 1.00 2.00 -20.81
N SER A 265 0.64 0.81 -20.34
CA SER A 265 1.51 0.07 -19.42
C SER A 265 2.70 -0.50 -20.15
N SER A 266 3.85 -0.48 -19.47
CA SER A 266 5.06 -1.11 -19.98
C SER A 266 5.20 -2.53 -19.44
N LYS A 267 4.56 -2.85 -18.31
CA LYS A 267 4.53 -4.22 -17.79
C LYS A 267 3.24 -4.96 -18.20
N PRO A 268 3.25 -6.29 -18.13
CA PRO A 268 2.09 -7.08 -18.50
C PRO A 268 1.25 -7.46 -17.28
C38 YPH B . 15.21 7.80 -3.14
C39 YPH B . 14.03 8.68 -3.53
C40 YPH B . 14.49 10.06 -4.04
O43 YPH B . 13.34 10.92 -4.18
C41 YPH B . 15.49 10.69 -3.06
C42 YPH B . 16.61 9.71 -2.73
N35 YPH B . 16.03 8.48 -2.13
C36 YPH B . 17.10 7.61 -1.65
C37 YPH B . 16.50 6.41 -0.93
O34 YPH B . 15.51 6.83 0.05
C9 YPH B . 14.83 5.82 0.64
C8 YPH B . 13.79 6.11 1.53
C7 YPH B . 13.09 5.08 2.15
C10 YPH B . 15.17 4.49 0.37
C11 YPH B . 14.45 3.46 0.98
C6 YPH B . 13.42 3.75 1.88
C2 YPH B . 12.75 2.67 2.47
O3 YPH B . 13.15 1.41 2.17
C1 YPH B . 11.70 2.61 3.33
C5 YPH B . 11.44 1.31 3.57
C4 YPH B . 12.36 0.55 2.84
N12 YPH B . 12.35 -0.78 2.87
C13 YPH B . 11.47 -1.41 3.63
N14 YPH B . 10.57 -0.74 4.35
C15 YPH B . 10.51 0.61 4.34
N44 YPH B . 9.57 1.20 5.08
C16 YPH B . 8.63 0.42 5.93
C17 YPH B . 7.44 -0.14 5.11
C18 YPH B . 6.43 -0.84 6.05
C19 YPH B . 6.64 -2.16 6.43
C20 YPH B . 5.76 -2.81 7.29
C23 YPH B . 5.33 -0.16 6.55
C22 YPH B . 4.46 -0.81 7.42
C21 YPH B . 4.66 -2.13 7.81
N24 YPH B . 3.82 -2.79 8.62
C25 YPH B . 3.39 -2.33 9.81
O33 YPH B . 3.76 -1.25 10.27
N26 YPH B . 2.50 -3.10 10.47
C27 YPH B . 1.94 -2.81 11.65
C28 YPH B . 0.99 -3.69 12.15
C29 YPH B . 0.35 -3.45 13.37
C30 YPH B . 0.67 -2.31 14.10
C31 YPH B . 1.62 -1.42 13.60
C32 YPH B . 2.25 -1.67 12.38
#